data_9GNY
#
_entry.id   9GNY
#
_cell.length_a   167.040
_cell.length_b   167.040
_cell.length_c   51.440
_cell.angle_alpha   90.000
_cell.angle_beta   90.000
_cell.angle_gamma   120.000
#
_symmetry.space_group_name_H-M   'P 31 2 1'
#
loop_
_entity.id
_entity.type
_entity.pdbx_description
1 polymer "2'-O-methyltransferase nsp16"
2 polymer 'Non-structural protein 10'
3 non-polymer 1,2-ETHANEDIOL
4 non-polymer '2-(N-MORPHOLINO)-ETHANESULFONIC ACID'
5 non-polymer CAFFEINE
6 non-polymer S-ADENOSYLMETHIONINE
7 non-polymer 'CHLORIDE ION'
8 non-polymer 'ZINC ION'
9 non-polymer IMIDAZOLE
10 water water
#
loop_
_entity_poly.entity_id
_entity_poly.type
_entity_poly.pdbx_seq_one_letter_code
_entity_poly.pdbx_strand_id
1 'polypeptide(L)'
;SSQAWQPGVAMPNLYKMQRMLLEKCDLQNYGDSATLPKGIMMNVAKYTQLCQYLNTLTLAVPYNMRVIHFGAGSDKGVAP
GTAVLRQWLPTGTLLVDSDLNDFVSDADSTLIGDCATVHTANKWDLIISDMYDPKTKNVTKENDSKEGFFTYICGFIQQK
LALGGSVAIKITEHSWNADLYKLMGHFAWWTAFVTNVNASSSEAFLIGCNYLGKPREQIDGYVMHANYIFWRNTNPIQLS
SYSLFDMSKFPLKLRGTAVMSLKEGQINDMILSLLSKGRLIIRENNRVVISSDVLVNNENLYFQ
;
A
2 'polypeptide(L)'
;GAGNATEVPANSTVLSFCAFAVDAAKAYKDYLASGGQPITNCVKMLCTHTGTGQAITVTPEANMDQESFGGASCCLYCRC
HIDHPNPKGFCDLKGKYVQIPTTCANDPVGFTLKNTVCTVCGMWKGYGCSCDQLREPMLQ
;
B
#
loop_
_chem_comp.id
_chem_comp.type
_chem_comp.name
_chem_comp.formula
CFF non-polymer CAFFEINE 'C8 H10 N4 O2'
CL non-polymer 'CHLORIDE ION' 'Cl -1'
EDO non-polymer 1,2-ETHANEDIOL 'C2 H6 O2'
IMD non-polymer IMIDAZOLE 'C3 H5 N2 1'
MES non-polymer '2-(N-MORPHOLINO)-ETHANESULFONIC ACID' 'C6 H13 N O4 S'
SAM non-polymer S-ADENOSYLMETHIONINE 'C15 H22 N6 O5 S'
ZN non-polymer 'ZINC ION' 'Zn 2'
#
# COMPACT_ATOMS: atom_id res chain seq x y z
N SER A 1 -5.23 -23.26 12.12
CA SER A 1 -4.12 -24.05 12.73
C SER A 1 -2.75 -23.51 12.26
N SER A 2 -2.19 -24.23 11.27
CA SER A 2 -0.99 -23.83 10.51
C SER A 2 -1.13 -22.47 9.85
N GLN A 3 -2.36 -21.95 9.80
CA GLN A 3 -2.63 -20.65 9.22
C GLN A 3 -1.91 -19.54 9.97
N ALA A 4 -1.62 -19.75 11.26
CA ALA A 4 -1.00 -18.69 12.06
C ALA A 4 0.38 -18.29 11.57
N TRP A 5 1.05 -19.14 10.75
CA TRP A 5 2.35 -18.80 10.20
C TRP A 5 2.26 -18.25 8.80
N GLN A 6 1.07 -18.24 8.22
CA GLN A 6 0.84 -17.55 6.95
C GLN A 6 0.71 -16.06 7.22
N PRO A 7 0.78 -15.24 6.16
CA PRO A 7 0.48 -13.81 6.34
C PRO A 7 -1.00 -13.55 6.55
N GLY A 8 -1.85 -14.53 6.26
CA GLY A 8 -3.29 -14.35 6.39
C GLY A 8 -3.98 -15.57 5.82
N VAL A 9 -5.28 -15.44 5.57
CA VAL A 9 -6.11 -16.54 5.09
C VAL A 9 -6.95 -16.07 3.90
N ALA A 10 -6.89 -16.85 2.82
CA ALA A 10 -7.70 -16.61 1.62
C ALA A 10 -8.98 -17.43 1.69
N MET A 11 -10.08 -16.85 1.21
CA MET A 11 -11.39 -17.53 1.21
C MET A 11 -11.32 -18.88 0.49
N PRO A 12 -11.58 -19.99 1.18
CA PRO A 12 -11.53 -21.29 0.49
C PRO A 12 -12.53 -21.38 -0.64
N ASN A 13 -12.12 -22.06 -1.72
CA ASN A 13 -12.94 -22.14 -2.93
C ASN A 13 -14.34 -22.65 -2.66
N LEU A 14 -14.48 -23.59 -1.73
CA LEU A 14 -15.81 -24.17 -1.51
C LEU A 14 -16.80 -23.11 -1.03
N TYR A 15 -16.34 -22.13 -0.26
CA TYR A 15 -17.24 -21.05 0.16
C TYR A 15 -17.64 -20.19 -1.02
N LYS A 16 -16.75 -20.04 -2.01
CA LYS A 16 -17.06 -19.20 -3.17
C LYS A 16 -18.21 -19.78 -3.97
N MET A 17 -18.37 -21.09 -3.88
CA MET A 17 -19.32 -21.83 -4.69
C MET A 17 -20.69 -21.91 -4.05
N GLN A 18 -20.90 -21.30 -2.89
CA GLN A 18 -22.18 -21.46 -2.23
C GLN A 18 -23.21 -20.43 -2.73
N ARG A 19 -24.43 -20.50 -2.16
CA ARG A 19 -25.50 -19.52 -2.45
C ARG A 19 -26.12 -19.11 -1.12
N MET A 20 -25.33 -18.43 -0.32
CA MET A 20 -25.77 -18.06 1.01
C MET A 20 -26.59 -16.78 0.93
N LEU A 21 -27.37 -16.57 1.97
CA LEU A 21 -28.03 -15.31 2.18
C LEU A 21 -27.17 -14.46 3.10
N LEU A 22 -27.26 -13.15 2.92
CA LEU A 22 -26.42 -12.26 3.69
C LEU A 22 -26.91 -12.23 5.13
N GLU A 23 -25.99 -12.43 6.05
CA GLU A 23 -26.24 -12.30 7.48
C GLU A 23 -25.33 -11.22 8.05
N LYS A 24 -25.59 -10.91 9.31
CA LYS A 24 -24.68 -10.08 10.07
C LYS A 24 -23.37 -10.85 10.31
N CYS A 25 -22.27 -10.10 10.35
CA CYS A 25 -20.97 -10.65 10.66
C CYS A 25 -20.75 -10.63 12.18
N ASP A 26 -20.53 -11.81 12.74
CA ASP A 26 -20.27 -12.03 14.16
C ASP A 26 -18.96 -12.80 14.30
N LEU A 27 -17.89 -12.09 14.64
CA LEU A 27 -16.58 -12.70 14.78
C LEU A 27 -16.32 -13.08 16.24
N GLN A 28 -15.88 -14.33 16.41
CA GLN A 28 -15.52 -14.87 17.72
C GLN A 28 -14.54 -13.98 18.47
N ASN A 29 -13.50 -13.49 17.78
CA ASN A 29 -12.43 -12.75 18.42
C ASN A 29 -12.61 -11.25 18.24
N TYR A 30 -13.84 -10.82 17.96
CA TYR A 30 -14.12 -9.41 17.76
C TYR A 30 -13.60 -8.55 18.91
N GLY A 31 -12.92 -7.48 18.57
CA GLY A 31 -12.34 -6.59 19.57
C GLY A 31 -10.95 -6.97 20.07
N ASP A 32 -10.53 -8.25 19.93
CA ASP A 32 -9.14 -8.60 20.18
C ASP A 32 -8.20 -7.92 19.19
N SER A 33 -6.97 -7.68 19.64
CA SER A 33 -5.96 -7.00 18.84
C SER A 33 -4.70 -7.85 18.80
N ALA A 34 -4.02 -7.87 17.67
CA ALA A 34 -2.77 -8.61 17.59
C ALA A 34 -1.69 -7.81 18.28
N THR A 35 -0.70 -8.50 18.83
CA THR A 35 0.47 -7.85 19.37
C THR A 35 1.44 -7.56 18.24
N LEU A 36 1.62 -6.36 17.96
CA LEU A 36 2.50 -6.00 16.85
C LEU A 36 3.95 -5.91 17.31
N PRO A 37 4.88 -6.16 16.42
CA PRO A 37 6.29 -5.92 16.75
C PRO A 37 6.49 -4.50 17.26
N LYS A 38 7.46 -4.36 18.15
CA LYS A 38 7.71 -3.07 18.79
C LYS A 38 7.85 -1.96 17.76
N GLY A 39 7.06 -0.90 17.93
CA GLY A 39 7.19 0.30 17.13
C GLY A 39 6.54 0.24 15.77
N ILE A 40 5.88 -0.85 15.42
CA ILE A 40 5.35 -1.06 14.09
C ILE A 40 3.86 -0.73 14.09
N MET A 41 3.44 0.13 13.15
CA MET A 41 2.04 0.51 12.98
C MET A 41 1.20 -0.61 12.41
N MET A 42 -0.07 -0.65 12.82
CA MET A 42 -1.04 -1.58 12.25
C MET A 42 -1.00 -1.57 10.72
N ASN A 43 -0.94 -0.39 10.09
CA ASN A 43 -1.11 -0.41 8.64
C ASN A 43 0.18 -0.81 7.93
N VAL A 44 1.35 -0.63 8.55
CA VAL A 44 2.55 -1.29 8.03
C VAL A 44 2.41 -2.81 8.10
N ALA A 45 2.02 -3.34 9.26
CA ALA A 45 1.84 -4.78 9.40
C ALA A 45 0.85 -5.34 8.39
N LYS A 46 -0.26 -4.65 8.22
CA LYS A 46 -1.34 -5.11 7.38
C LYS A 46 -0.91 -5.13 5.93
N TYR A 47 -0.29 -4.04 5.48
CA TYR A 47 0.20 -4.02 4.10
C TYR A 47 1.32 -5.03 3.90
N THR A 48 2.16 -5.24 4.91
CA THR A 48 3.21 -6.23 4.76
C THR A 48 2.61 -7.61 4.53
N GLN A 49 1.55 -7.95 5.28
CA GLN A 49 0.97 -9.27 5.10
C GLN A 49 0.26 -9.40 3.77
N LEU A 50 -0.38 -8.31 3.32
CA LEU A 50 -0.98 -8.34 2.00
C LEU A 50 0.08 -8.62 0.94
N CYS A 51 1.19 -7.90 1.00
CA CYS A 51 2.23 -8.03 -0.01
C CYS A 51 2.84 -9.43 0.05
N GLN A 52 3.06 -9.93 1.28
CA GLN A 52 3.52 -11.31 1.44
C GLN A 52 2.57 -12.29 0.77
N TYR A 53 1.26 -12.05 0.89
CA TYR A 53 0.31 -12.93 0.21
C TYR A 53 0.37 -12.71 -1.29
N LEU A 54 0.50 -11.45 -1.73
CA LEU A 54 0.51 -11.22 -3.18
C LEU A 54 1.72 -11.92 -3.84
N ASN A 55 2.82 -12.05 -3.10
CA ASN A 55 3.97 -12.75 -3.60
C ASN A 55 3.67 -14.18 -4.02
N THR A 56 2.63 -14.81 -3.47
CA THR A 56 2.32 -16.19 -3.78
C THR A 56 1.47 -16.34 -5.02
N LEU A 57 1.09 -15.24 -5.67
CA LEU A 57 0.19 -15.28 -6.82
C LEU A 57 1.00 -15.08 -8.10
N THR A 58 0.31 -15.10 -9.22
CA THR A 58 0.96 -14.94 -10.53
C THR A 58 0.91 -13.50 -11.04
N LEU A 59 1.31 -12.55 -10.21
CA LEU A 59 1.33 -11.17 -10.65
C LEU A 59 2.24 -10.97 -11.85
N ALA A 60 1.80 -10.15 -12.78
CA ALA A 60 2.69 -9.67 -13.84
C ALA A 60 3.55 -8.56 -13.26
N VAL A 61 4.85 -8.64 -13.49
CA VAL A 61 5.78 -7.65 -12.93
C VAL A 61 6.71 -7.19 -14.06
N PRO A 62 6.25 -6.28 -14.90
CA PRO A 62 7.07 -5.84 -16.04
C PRO A 62 8.13 -4.83 -15.62
N TYR A 63 9.08 -4.62 -16.52
CA TYR A 63 9.87 -3.41 -16.43
C TYR A 63 8.95 -2.20 -16.62
N ASN A 64 9.31 -1.07 -16.02
CA ASN A 64 8.51 0.14 -16.12
C ASN A 64 7.12 -0.08 -15.54
N MET A 65 7.06 -0.81 -14.44
CA MET A 65 5.75 -1.15 -13.88
C MET A 65 5.15 0.10 -13.24
N ARG A 66 3.82 0.16 -13.29
CA ARG A 66 3.03 1.29 -12.85
C ARG A 66 1.99 0.81 -11.84
N VAL A 67 1.95 1.44 -10.69
CA VAL A 67 1.04 1.05 -9.60
C VAL A 67 0.35 2.30 -9.10
N ILE A 68 -0.96 2.20 -8.89
CA ILE A 68 -1.72 3.31 -8.29
C ILE A 68 -2.39 2.81 -7.01
N HIS A 69 -2.35 3.66 -5.98
CA HIS A 69 -2.73 3.34 -4.62
C HIS A 69 -3.75 4.39 -4.14
N PHE A 70 -5.01 4.00 -4.05
CA PHE A 70 -6.08 4.88 -3.56
C PHE A 70 -6.31 4.69 -2.07
N GLY A 71 -6.74 5.76 -1.40
CA GLY A 71 -6.97 5.66 0.04
C GLY A 71 -5.68 5.56 0.84
N ALA A 72 -4.64 6.22 0.38
CA ALA A 72 -3.30 6.05 0.95
C ALA A 72 -3.02 6.95 2.13
N GLY A 73 -3.89 7.91 2.44
CA GLY A 73 -3.64 8.80 3.55
C GLY A 73 -4.09 8.17 4.87
N SER A 74 -3.62 8.71 5.96
CA SER A 74 -4.02 8.24 7.27
C SER A 74 -4.38 9.43 8.13
N ASP A 75 -5.01 9.13 9.26
CA ASP A 75 -5.27 10.17 10.25
C ASP A 75 -3.98 10.70 10.85
N LYS A 76 -2.84 10.06 10.61
CA LYS A 76 -1.57 10.61 11.08
C LYS A 76 -0.96 11.60 10.09
N GLY A 77 -1.56 11.78 8.92
CA GLY A 77 -0.99 12.62 7.88
C GLY A 77 0.21 12.04 7.14
N VAL A 78 0.47 10.73 7.27
CA VAL A 78 1.54 10.07 6.53
C VAL A 78 0.89 8.94 5.73
N ALA A 79 1.69 8.14 5.03
CA ALA A 79 1.19 7.10 4.12
C ALA A 79 1.96 5.81 4.38
N PRO A 80 1.65 5.12 5.48
CA PRO A 80 2.38 3.88 5.82
C PRO A 80 2.24 2.81 4.75
N GLY A 81 1.02 2.63 4.23
CA GLY A 81 0.78 1.66 3.18
C GLY A 81 1.61 1.94 1.93
N THR A 82 1.70 3.21 1.53
CA THR A 82 2.55 3.54 0.38
C THR A 82 4.00 3.16 0.66
N ALA A 83 4.48 3.45 1.86
CA ALA A 83 5.86 3.09 2.17
C ALA A 83 6.10 1.59 2.07
N VAL A 84 5.12 0.77 2.48
CA VAL A 84 5.30 -0.67 2.33
C VAL A 84 5.26 -1.06 0.85
N LEU A 85 4.33 -0.48 0.08
CA LEU A 85 4.26 -0.86 -1.33
C LEU A 85 5.56 -0.52 -2.04
N ARG A 86 6.16 0.58 -1.70
CA ARG A 86 7.35 1.01 -2.41
C ARG A 86 8.55 0.18 -1.99
N GLN A 87 8.53 -0.33 -0.75
CA GLN A 87 9.52 -1.30 -0.31
C GLN A 87 9.39 -2.60 -1.07
N TRP A 88 8.16 -3.07 -1.19
CA TRP A 88 7.85 -4.34 -1.84
C TRP A 88 8.15 -4.29 -3.33
N LEU A 89 7.68 -3.25 -3.99
CA LEU A 89 7.77 -3.17 -5.44
C LEU A 89 9.23 -3.05 -5.87
N PRO A 90 9.58 -3.57 -7.04
CA PRO A 90 10.94 -3.33 -7.55
C PRO A 90 11.29 -1.85 -7.60
N THR A 91 12.54 -1.57 -7.26
CA THR A 91 13.04 -0.21 -7.40
C THR A 91 12.80 0.31 -8.81
N GLY A 92 12.37 1.57 -8.90
CA GLY A 92 12.00 2.16 -10.15
C GLY A 92 10.54 2.03 -10.50
N THR A 93 9.79 1.17 -9.81
CA THR A 93 8.37 1.09 -10.09
C THR A 93 7.75 2.47 -9.91
N LEU A 94 6.99 2.92 -10.90
CA LEU A 94 6.25 4.16 -10.75
C LEU A 94 5.05 3.93 -9.82
N LEU A 95 4.99 4.70 -8.73
CA LEU A 95 3.96 4.58 -7.71
C LEU A 95 3.28 5.94 -7.55
N VAL A 96 1.96 5.96 -7.79
CA VAL A 96 1.12 7.15 -7.59
C VAL A 96 0.13 6.84 -6.47
N ASP A 97 -0.07 7.78 -5.56
CA ASP A 97 -1.09 7.53 -4.54
C ASP A 97 -2.01 8.74 -4.40
N SER A 98 -3.08 8.53 -3.63
CA SER A 98 -4.19 9.48 -3.58
C SER A 98 -5.01 9.27 -2.33
N ASP A 99 -5.61 10.34 -1.87
CA ASP A 99 -6.56 10.28 -0.77
C ASP A 99 -7.36 11.56 -0.80
N LEU A 100 -8.54 11.48 -0.19
CA LEU A 100 -9.39 12.65 -0.01
C LEU A 100 -8.70 13.77 0.77
N ASN A 101 -7.89 13.44 1.76
CA ASN A 101 -7.30 14.41 2.66
C ASN A 101 -5.78 14.44 2.52
N ASP A 102 -5.23 15.61 2.81
CA ASP A 102 -3.80 15.84 2.63
C ASP A 102 -2.96 14.89 3.46
N PHE A 103 -1.85 14.46 2.90
CA PHE A 103 -0.89 13.60 3.60
C PHE A 103 0.46 13.71 2.90
N VAL A 104 1.52 13.34 3.62
CA VAL A 104 2.87 13.29 3.06
C VAL A 104 3.21 11.84 2.70
N SER A 105 3.82 11.66 1.53
CA SER A 105 3.97 10.37 0.89
C SER A 105 5.36 10.18 0.32
N ASP A 106 5.77 8.93 0.22
CA ASP A 106 6.97 8.50 -0.51
C ASP A 106 6.66 8.15 -1.96
N ALA A 107 5.43 8.34 -2.40
CA ALA A 107 5.06 8.03 -3.75
C ALA A 107 5.72 9.01 -4.74
N ASP A 108 5.89 8.55 -5.97
CA ASP A 108 6.42 9.44 -7.00
C ASP A 108 5.50 10.61 -7.29
N SER A 109 4.21 10.45 -7.06
CA SER A 109 3.30 11.58 -7.16
C SER A 109 2.05 11.26 -6.37
N THR A 110 1.44 12.31 -5.81
CA THR A 110 0.30 12.19 -4.91
C THR A 110 -0.78 13.16 -5.35
N LEU A 111 -2.01 12.68 -5.47
CA LEU A 111 -3.15 13.52 -5.83
C LEU A 111 -4.09 13.56 -4.63
N ILE A 112 -4.47 14.77 -4.22
CA ILE A 112 -5.35 14.97 -3.07
C ILE A 112 -6.72 15.39 -3.60
N GLY A 113 -7.73 14.59 -3.28
CA GLY A 113 -9.09 14.87 -3.68
C GLY A 113 -9.91 13.60 -3.64
N ASP A 114 -11.20 13.75 -3.92
CA ASP A 114 -12.07 12.58 -4.05
C ASP A 114 -11.60 11.74 -5.22
N CYS A 115 -11.61 10.42 -5.06
CA CYS A 115 -11.06 9.54 -6.08
C CYS A 115 -11.77 9.74 -7.40
N ALA A 116 -13.05 10.14 -7.37
CA ALA A 116 -13.79 10.32 -8.61
C ALA A 116 -13.22 11.44 -9.46
N THR A 117 -12.46 12.37 -8.86
CA THR A 117 -11.82 13.42 -9.64
C THR A 117 -10.53 12.98 -10.33
N VAL A 118 -10.04 11.76 -10.10
CA VAL A 118 -8.73 11.33 -10.59
C VAL A 118 -8.86 10.76 -11.99
N HIS A 119 -7.97 11.20 -12.90
CA HIS A 119 -7.90 10.70 -14.27
C HIS A 119 -6.45 10.41 -14.62
N THR A 120 -6.25 9.39 -15.43
CA THR A 120 -4.90 9.05 -15.86
C THR A 120 -4.95 8.77 -17.35
N ALA A 121 -3.92 9.23 -18.06
CA ALA A 121 -3.83 8.96 -19.49
C ALA A 121 -3.44 7.52 -19.74
N ASN A 122 -2.61 6.97 -18.88
CA ASN A 122 -2.06 5.64 -19.06
C ASN A 122 -2.86 4.57 -18.31
N LYS A 123 -2.58 3.32 -18.64
CA LYS A 123 -3.08 2.16 -17.91
C LYS A 123 -2.08 1.75 -16.83
N TRP A 124 -2.54 0.91 -15.89
CA TRP A 124 -1.79 0.49 -14.72
C TRP A 124 -1.64 -1.02 -14.67
N ASP A 125 -0.56 -1.47 -14.05
CA ASP A 125 -0.32 -2.89 -13.87
C ASP A 125 -0.86 -3.43 -12.55
N LEU A 126 -1.07 -2.56 -11.56
CA LEU A 126 -1.58 -2.97 -10.26
C LEU A 126 -2.31 -1.80 -9.64
N ILE A 127 -3.51 -2.06 -9.12
CA ILE A 127 -4.31 -1.05 -8.43
C ILE A 127 -4.56 -1.56 -7.02
N ILE A 128 -4.20 -0.77 -6.02
CA ILE A 128 -4.42 -1.06 -4.61
C ILE A 128 -5.38 0.00 -4.08
N SER A 129 -6.42 -0.41 -3.34
CA SER A 129 -7.28 0.57 -2.69
C SER A 129 -7.44 0.24 -1.21
N ASP A 130 -7.20 1.22 -0.35
CA ASP A 130 -7.56 1.07 1.04
C ASP A 130 -8.67 2.05 1.42
N MET A 131 -9.42 2.48 0.42
CA MET A 131 -10.44 3.49 0.63
C MET A 131 -11.51 2.90 1.54
N TYR A 132 -12.00 3.73 2.45
CA TYR A 132 -12.93 3.26 3.47
C TYR A 132 -13.58 4.45 4.16
N ASP A 133 -14.89 4.41 4.37
CA ASP A 133 -15.61 5.45 5.10
C ASP A 133 -16.24 4.80 6.31
N PRO A 134 -15.79 5.08 7.53
CA PRO A 134 -16.31 4.33 8.68
C PRO A 134 -17.77 4.54 8.92
N LYS A 135 -18.33 5.59 8.34
CA LYS A 135 -19.77 5.79 8.39
C LYS A 135 -20.56 4.64 7.77
N THR A 136 -19.96 3.79 6.92
CA THR A 136 -20.71 2.66 6.36
C THR A 136 -21.09 1.64 7.42
N LYS A 137 -20.33 1.56 8.50
CA LYS A 137 -20.51 0.51 9.50
C LYS A 137 -21.68 0.87 10.40
N ASN A 138 -22.89 0.69 9.87
CA ASN A 138 -24.12 0.92 10.64
C ASN A 138 -24.82 -0.42 10.84
N VAL A 139 -24.59 -1.03 12.01
CA VAL A 139 -25.18 -2.33 12.28
C VAL A 139 -26.69 -2.26 12.47
N THR A 140 -27.25 -1.06 12.64
CA THR A 140 -28.69 -0.92 12.81
C THR A 140 -29.44 -0.81 11.48
N LYS A 141 -28.74 -0.74 10.36
CA LYS A 141 -29.36 -0.54 9.06
C LYS A 141 -29.05 -1.74 8.17
N GLU A 142 -29.92 -1.96 7.19
CA GLU A 142 -29.70 -3.02 6.23
C GLU A 142 -28.37 -2.80 5.49
N ASN A 143 -27.74 -3.90 5.12
CA ASN A 143 -26.39 -3.85 4.53
C ASN A 143 -26.52 -4.07 3.04
N ASP A 144 -26.66 -2.99 2.30
CA ASP A 144 -26.83 -3.01 0.87
C ASP A 144 -25.50 -2.73 0.17
N SER A 145 -25.43 -3.07 -1.11
CA SER A 145 -24.25 -2.79 -1.91
C SER A 145 -24.02 -1.30 -1.93
N LYS A 146 -22.78 -0.90 -1.69
CA LYS A 146 -22.46 0.53 -1.63
C LYS A 146 -21.93 0.99 -2.98
N GLU A 147 -22.15 2.27 -3.24
CA GLU A 147 -21.69 2.86 -4.49
C GLU A 147 -20.48 3.73 -4.19
N GLY A 148 -20.61 5.05 -4.30
CA GLY A 148 -19.50 5.93 -3.93
C GLY A 148 -18.21 5.58 -4.63
N PHE A 149 -17.13 5.48 -3.85
CA PHE A 149 -15.84 5.17 -4.48
C PHE A 149 -15.79 3.79 -5.12
N PHE A 150 -16.65 2.85 -4.71
CA PHE A 150 -16.71 1.57 -5.40
C PHE A 150 -17.18 1.72 -6.85
N THR A 151 -18.11 2.65 -7.09
CA THR A 151 -18.53 2.84 -8.48
C THR A 151 -17.35 3.34 -9.30
N TYR A 152 -16.59 4.29 -8.76
CA TYR A 152 -15.39 4.77 -9.44
C TYR A 152 -14.42 3.64 -9.72
N ILE A 153 -14.16 2.80 -8.71
CA ILE A 153 -13.15 1.77 -8.83
C ILE A 153 -13.50 0.76 -9.93
N CYS A 154 -14.77 0.34 -9.99
CA CYS A 154 -15.17 -0.59 -11.04
C CYS A 154 -14.93 0.02 -12.41
N GLY A 155 -15.26 1.29 -12.58
CA GLY A 155 -15.06 1.91 -13.88
C GLY A 155 -13.59 2.11 -14.17
N PHE A 156 -12.83 2.47 -13.13
CA PHE A 156 -11.40 2.68 -13.31
C PHE A 156 -10.70 1.39 -13.70
N ILE A 157 -11.07 0.27 -13.09
CA ILE A 157 -10.49 -1.01 -13.49
C ILE A 157 -10.80 -1.31 -14.95
N GLN A 158 -12.06 -1.16 -15.35
CA GLN A 158 -12.42 -1.56 -16.70
C GLN A 158 -11.78 -0.65 -17.74
N GLN A 159 -11.51 0.60 -17.38
CA GLN A 159 -10.94 1.52 -18.34
C GLN A 159 -9.43 1.59 -18.30
N LYS A 160 -8.81 1.41 -17.14
CA LYS A 160 -7.38 1.72 -17.01
C LYS A 160 -6.51 0.61 -16.40
N LEU A 161 -7.05 -0.57 -16.13
CA LEU A 161 -6.22 -1.68 -15.70
C LEU A 161 -5.75 -2.44 -16.94
N ALA A 162 -4.44 -2.53 -17.10
CA ALA A 162 -3.92 -3.30 -18.23
C ALA A 162 -4.38 -4.74 -18.16
N LEU A 163 -4.67 -5.33 -19.32
CA LEU A 163 -4.89 -6.76 -19.34
C LEU A 163 -3.66 -7.43 -18.76
N GLY A 164 -3.87 -8.43 -17.90
CA GLY A 164 -2.80 -9.03 -17.16
C GLY A 164 -2.55 -8.44 -15.78
N GLY A 165 -3.07 -7.24 -15.52
CA GLY A 165 -2.80 -6.59 -14.26
C GLY A 165 -3.67 -7.16 -13.15
N SER A 166 -3.42 -6.67 -11.94
CA SER A 166 -4.10 -7.20 -10.76
C SER A 166 -4.58 -6.06 -9.88
N VAL A 167 -5.52 -6.39 -8.97
CA VAL A 167 -6.06 -5.42 -8.03
C VAL A 167 -6.16 -6.07 -6.65
N ALA A 168 -6.09 -5.21 -5.64
CA ALA A 168 -6.44 -5.54 -4.26
C ALA A 168 -7.23 -4.37 -3.69
N ILE A 169 -8.51 -4.61 -3.40
CA ILE A 169 -9.46 -3.57 -3.01
C ILE A 169 -9.99 -3.90 -1.61
N LYS A 170 -9.73 -3.04 -0.62
CA LYS A 170 -10.23 -3.29 0.73
C LYS A 170 -11.75 -3.24 0.76
N ILE A 171 -12.34 -4.26 1.39
CA ILE A 171 -13.75 -4.28 1.72
C ILE A 171 -13.90 -4.63 3.19
N THR A 172 -15.13 -4.53 3.68
CA THR A 172 -15.51 -4.95 5.02
C THR A 172 -16.91 -5.56 4.98
N GLU A 173 -17.45 -5.89 6.14
CA GLU A 173 -18.85 -6.37 6.15
C GLU A 173 -19.77 -5.36 5.47
N HIS A 174 -19.65 -4.07 5.83
CA HIS A 174 -20.52 -3.03 5.29
C HIS A 174 -19.92 -2.24 4.14
N SER A 175 -18.60 -2.27 3.94
CA SER A 175 -17.99 -1.52 2.82
C SER A 175 -17.70 -2.48 1.68
N TRP A 176 -18.67 -2.62 0.77
CA TRP A 176 -18.58 -3.58 -0.33
C TRP A 176 -19.51 -3.15 -1.45
N ASN A 177 -19.33 -3.81 -2.59
CA ASN A 177 -20.05 -3.45 -3.81
C ASN A 177 -20.23 -4.70 -4.64
N ALA A 178 -21.46 -4.92 -5.12
CA ALA A 178 -21.76 -6.13 -5.84
C ALA A 178 -21.09 -6.17 -7.22
N ASP A 179 -21.06 -5.06 -7.95
CA ASP A 179 -20.37 -5.05 -9.24
C ASP A 179 -18.89 -5.34 -9.11
N LEU A 180 -18.28 -4.95 -8.01
CA LEU A 180 -16.86 -5.24 -7.82
C LEU A 180 -16.64 -6.74 -7.70
N TYR A 181 -17.48 -7.43 -6.91
CA TYR A 181 -17.40 -8.88 -6.92
C TYR A 181 -17.66 -9.45 -8.32
N LYS A 182 -18.63 -8.90 -9.05
CA LYS A 182 -18.91 -9.41 -10.38
C LYS A 182 -17.69 -9.24 -11.28
N LEU A 183 -17.00 -8.14 -11.12
CA LEU A 183 -15.79 -7.87 -11.91
C LEU A 183 -14.65 -8.82 -11.55
N MET A 184 -14.63 -9.34 -10.34
CA MET A 184 -13.67 -10.38 -10.02
C MET A 184 -13.76 -11.55 -11.00
N GLY A 185 -14.93 -11.78 -11.59
CA GLY A 185 -15.07 -12.81 -12.58
C GLY A 185 -14.44 -12.48 -13.92
N HIS A 186 -13.86 -11.28 -14.06
CA HIS A 186 -13.14 -10.85 -15.26
C HIS A 186 -11.62 -11.02 -15.11
N PHE A 187 -11.19 -11.64 -14.04
CA PHE A 187 -9.80 -11.97 -13.83
C PHE A 187 -9.63 -13.49 -13.94
N ALA A 188 -8.39 -13.94 -14.17
CA ALA A 188 -8.13 -15.38 -14.26
C ALA A 188 -8.36 -16.09 -12.92
N TRP A 189 -8.22 -15.35 -11.82
CA TRP A 189 -8.38 -15.92 -10.49
C TRP A 189 -8.70 -14.76 -9.54
N TRP A 190 -9.40 -15.08 -8.43
CA TRP A 190 -9.74 -14.06 -7.45
C TRP A 190 -9.88 -14.70 -6.08
N THR A 191 -9.82 -13.86 -5.05
CA THR A 191 -10.08 -14.31 -3.69
C THR A 191 -10.41 -13.09 -2.84
N ALA A 192 -10.85 -13.39 -1.62
CA ALA A 192 -10.93 -12.42 -0.52
C ALA A 192 -9.89 -12.85 0.51
N PHE A 193 -8.94 -11.95 0.80
CA PHE A 193 -7.81 -12.23 1.69
C PHE A 193 -7.91 -11.44 2.98
N VAL A 194 -7.80 -12.15 4.10
CA VAL A 194 -7.83 -11.56 5.43
C VAL A 194 -6.43 -11.59 6.01
N THR A 195 -5.89 -10.43 6.40
CA THR A 195 -4.58 -10.43 7.03
C THR A 195 -4.67 -11.02 8.43
N ASN A 196 -3.63 -11.77 8.82
CA ASN A 196 -3.66 -12.36 10.15
C ASN A 196 -3.55 -11.33 11.26
N VAL A 197 -2.88 -10.19 11.03
CA VAL A 197 -2.83 -9.17 12.08
C VAL A 197 -4.18 -8.52 12.29
N ASN A 198 -5.10 -8.60 11.33
CA ASN A 198 -6.41 -7.97 11.48
C ASN A 198 -7.56 -9.00 11.43
N ALA A 199 -7.25 -10.23 11.81
CA ALA A 199 -8.20 -11.34 11.67
C ALA A 199 -9.49 -11.15 12.45
N SER A 200 -9.51 -10.25 13.41
CA SER A 200 -10.72 -10.04 14.20
C SER A 200 -11.59 -8.95 13.66
N SER A 201 -11.31 -8.49 12.44
CA SER A 201 -12.12 -7.52 11.71
C SER A 201 -12.75 -8.21 10.51
N SER A 202 -13.92 -7.71 10.10
CA SER A 202 -14.55 -8.19 8.87
C SER A 202 -13.86 -7.66 7.60
N GLU A 203 -12.86 -6.83 7.77
CA GLU A 203 -12.04 -6.41 6.63
C GLU A 203 -11.51 -7.61 5.85
N ALA A 204 -11.44 -7.45 4.54
CA ALA A 204 -10.67 -8.31 3.65
C ALA A 204 -10.18 -7.43 2.48
N PHE A 205 -9.22 -7.97 1.74
CA PHE A 205 -8.85 -7.42 0.44
C PHE A 205 -9.38 -8.34 -0.66
N LEU A 206 -10.23 -7.79 -1.53
CA LEU A 206 -10.72 -8.49 -2.69
C LEU A 206 -9.62 -8.39 -3.74
N ILE A 207 -9.01 -9.52 -4.07
CA ILE A 207 -7.86 -9.57 -4.98
C ILE A 207 -8.32 -10.17 -6.29
N GLY A 208 -8.05 -9.46 -7.38
CA GLY A 208 -8.28 -9.95 -8.72
C GLY A 208 -6.94 -10.15 -9.38
N CYS A 209 -6.65 -11.38 -9.81
CA CYS A 209 -5.32 -11.76 -10.29
C CYS A 209 -5.37 -12.03 -11.80
N ASN A 210 -4.70 -11.17 -12.57
CA ASN A 210 -4.56 -11.26 -14.03
C ASN A 210 -5.84 -10.95 -14.78
N TYR A 211 -6.02 -9.66 -15.12
CA TYR A 211 -7.25 -9.17 -15.73
C TYR A 211 -7.35 -9.59 -17.19
N LEU A 212 -8.52 -10.12 -17.53
CA LEU A 212 -8.80 -10.59 -18.88
C LEU A 212 -9.72 -9.69 -19.68
N GLY A 213 -10.31 -8.67 -19.06
CA GLY A 213 -11.10 -7.74 -19.83
C GLY A 213 -12.43 -8.26 -20.28
N LYS A 214 -12.82 -9.43 -19.81
CA LYS A 214 -14.07 -10.07 -20.16
C LYS A 214 -14.35 -11.12 -19.10
N PRO A 215 -15.59 -11.55 -18.95
CA PRO A 215 -15.91 -12.52 -17.89
C PRO A 215 -15.43 -13.91 -18.21
N ARG A 216 -14.54 -14.42 -17.37
CA ARG A 216 -14.32 -15.86 -17.30
C ARG A 216 -15.50 -16.55 -16.64
N GLU A 217 -16.24 -15.83 -15.80
CA GLU A 217 -17.21 -16.41 -14.89
C GLU A 217 -18.23 -15.34 -14.59
N GLN A 218 -19.51 -15.73 -14.52
CA GLN A 218 -20.58 -14.80 -14.15
C GLN A 218 -20.79 -14.94 -12.65
N ILE A 219 -20.54 -13.86 -11.92
CA ILE A 219 -20.61 -13.85 -10.47
C ILE A 219 -21.72 -12.90 -10.06
N ASP A 220 -22.65 -13.39 -9.26
CA ASP A 220 -23.63 -12.54 -8.59
C ASP A 220 -22.97 -11.97 -7.34
N GLY A 221 -22.76 -10.66 -7.31
CA GLY A 221 -22.02 -10.06 -6.24
C GLY A 221 -22.75 -10.02 -4.91
N TYR A 222 -24.09 -9.94 -4.95
CA TYR A 222 -24.86 -9.99 -3.70
C TYR A 222 -24.66 -11.33 -3.00
N VAL A 223 -24.77 -12.40 -3.76
CA VAL A 223 -24.53 -13.73 -3.22
C VAL A 223 -23.07 -13.90 -2.81
N MET A 224 -22.14 -13.37 -3.62
CA MET A 224 -20.75 -13.63 -3.27
C MET A 224 -20.40 -12.95 -1.96
N HIS A 225 -20.96 -11.76 -1.71
CA HIS A 225 -20.64 -11.12 -0.44
C HIS A 225 -21.25 -11.90 0.72
N ALA A 226 -22.44 -12.46 0.51
CA ALA A 226 -23.04 -13.31 1.53
C ALA A 226 -22.17 -14.53 1.79
N ASN A 227 -21.61 -15.12 0.71
CA ASN A 227 -20.66 -16.22 0.85
C ASN A 227 -19.43 -15.82 1.65
N TYR A 228 -18.85 -14.63 1.38
CA TYR A 228 -17.71 -14.16 2.13
C TYR A 228 -18.05 -14.02 3.62
N ILE A 229 -19.18 -13.40 3.93
CA ILE A 229 -19.54 -13.23 5.33
C ILE A 229 -19.78 -14.57 5.99
N PHE A 230 -20.44 -15.49 5.30
CA PHE A 230 -20.64 -16.84 5.82
C PHE A 230 -19.30 -17.49 6.18
N TRP A 231 -18.33 -17.40 5.27
CA TRP A 231 -16.99 -17.89 5.57
C TRP A 231 -16.46 -17.26 6.84
N ARG A 232 -16.49 -15.93 6.91
CA ARG A 232 -15.94 -15.24 8.07
C ARG A 232 -16.66 -15.67 9.35
N ASN A 233 -17.98 -15.80 9.29
CA ASN A 233 -18.78 -16.18 10.45
C ASN A 233 -18.48 -17.58 10.95
N THR A 234 -18.08 -18.50 10.08
CA THR A 234 -17.93 -19.89 10.50
C THR A 234 -16.50 -20.32 10.62
N ASN A 235 -15.55 -19.45 10.32
CA ASN A 235 -14.13 -19.79 10.37
C ASN A 235 -13.31 -18.76 11.12
N PRO A 236 -13.35 -18.79 12.45
CA PRO A 236 -12.52 -17.87 13.23
C PRO A 236 -11.09 -17.94 12.76
N ILE A 237 -10.43 -16.80 12.74
CA ILE A 237 -9.03 -16.76 12.35
C ILE A 237 -8.24 -16.28 13.54
N GLN A 238 -7.23 -17.04 13.90
CA GLN A 238 -6.37 -16.70 15.01
C GLN A 238 -5.53 -15.48 14.65
N LEU A 239 -5.64 -14.43 15.45
CA LEU A 239 -4.75 -13.30 15.25
C LEU A 239 -3.29 -13.74 15.28
N SER A 240 -2.50 -13.23 14.33
CA SER A 240 -1.11 -13.62 14.25
C SER A 240 -0.29 -12.53 13.60
N SER A 241 0.86 -12.24 14.19
CA SER A 241 1.89 -11.42 13.58
C SER A 241 3.13 -12.23 13.20
N TYR A 242 3.03 -13.56 13.17
N TYR A 242 3.06 -13.57 13.21
CA TYR A 242 4.20 -14.40 13.00
CA TYR A 242 4.26 -14.36 12.97
C TYR A 242 4.95 -14.11 11.69
C TYR A 242 4.97 -13.92 11.69
N SER A 243 4.22 -13.88 10.58
CA SER A 243 4.89 -13.73 9.30
C SER A 243 5.65 -12.41 9.22
N LEU A 244 5.38 -11.48 10.12
CA LEU A 244 6.07 -10.20 10.06
C LEU A 244 7.53 -10.35 10.42
N PHE A 245 7.88 -11.43 11.10
CA PHE A 245 9.23 -11.63 11.58
C PHE A 245 10.14 -12.29 10.57
N ASP A 246 9.62 -12.65 9.39
CA ASP A 246 10.47 -13.19 8.33
C ASP A 246 10.34 -12.37 7.06
N MET A 247 11.27 -11.46 6.86
CA MET A 247 11.19 -10.58 5.71
C MET A 247 12.23 -10.93 4.67
N SER A 248 12.86 -12.10 4.78
CA SER A 248 13.97 -12.43 3.90
C SER A 248 13.54 -12.52 2.44
N LYS A 249 12.31 -12.96 2.18
CA LYS A 249 11.83 -13.13 0.82
C LYS A 249 10.72 -12.14 0.46
N PHE A 250 10.72 -10.97 1.09
CA PHE A 250 9.63 -10.01 0.89
C PHE A 250 9.63 -9.34 -0.48
N PRO A 251 10.75 -8.85 -0.99
CA PRO A 251 10.70 -8.08 -2.25
C PRO A 251 10.05 -8.84 -3.38
N LEU A 252 9.17 -8.16 -4.10
CA LEU A 252 8.53 -8.72 -5.27
C LEU A 252 9.59 -8.90 -6.33
N LYS A 253 9.67 -10.09 -6.92
CA LYS A 253 10.70 -10.36 -7.92
C LYS A 253 10.34 -9.68 -9.23
N LEU A 254 11.28 -8.90 -9.76
CA LEU A 254 11.09 -8.25 -11.06
C LEU A 254 11.14 -9.33 -12.14
N ARG A 255 9.97 -9.84 -12.53
CA ARG A 255 9.89 -10.89 -13.55
C ARG A 255 10.20 -10.37 -14.97
N GLY A 256 10.27 -9.06 -15.17
CA GLY A 256 10.43 -8.53 -16.50
C GLY A 256 9.34 -8.92 -17.46
N THR A 257 8.15 -9.27 -16.94
CA THR A 257 7.01 -9.71 -17.76
C THR A 257 6.88 -8.85 -19.01
N ALA A 258 6.45 -9.49 -20.09
CA ALA A 258 6.38 -8.78 -21.36
C ALA A 258 5.19 -7.83 -21.42
N VAL A 259 5.41 -6.66 -22.02
CA VAL A 259 4.37 -5.68 -22.31
C VAL A 259 4.22 -5.55 -23.82
N MET A 260 3.01 -5.72 -24.31
CA MET A 260 2.71 -5.54 -25.71
C MET A 260 1.50 -4.65 -25.85
N SER A 261 1.51 -3.86 -26.90
CA SER A 261 0.33 -3.11 -27.28
C SER A 261 -0.43 -3.97 -28.27
N LEU A 262 -1.68 -4.26 -27.96
CA LEU A 262 -2.51 -5.10 -28.81
C LEU A 262 -3.91 -4.50 -28.87
N LYS A 263 -4.53 -4.66 -30.02
CA LYS A 263 -5.90 -4.23 -30.26
C LYS A 263 -6.84 -5.35 -29.88
N GLU A 264 -8.08 -5.01 -29.57
CA GLU A 264 -8.99 -6.04 -29.04
C GLU A 264 -9.11 -7.23 -30.00
N GLY A 265 -9.07 -6.98 -31.30
CA GLY A 265 -9.20 -8.08 -32.24
C GLY A 265 -8.03 -9.02 -32.28
N GLN A 266 -6.91 -8.66 -31.67
CA GLN A 266 -5.73 -9.50 -31.65
C GLN A 266 -5.63 -10.38 -30.42
N ILE A 267 -6.60 -10.31 -29.50
CA ILE A 267 -6.50 -11.01 -28.21
C ILE A 267 -7.22 -12.35 -28.38
N ASN A 268 -6.46 -13.36 -28.82
CA ASN A 268 -6.93 -14.72 -29.00
C ASN A 268 -6.73 -15.54 -27.73
N ASP A 269 -7.15 -16.81 -27.78
CA ASP A 269 -7.08 -17.65 -26.60
C ASP A 269 -5.64 -17.94 -26.18
N MET A 270 -4.68 -17.83 -27.08
CA MET A 270 -3.30 -18.00 -26.69
C MET A 270 -2.81 -16.78 -25.90
N ILE A 271 -3.18 -15.58 -26.34
CA ILE A 271 -2.94 -14.37 -25.55
C ILE A 271 -3.60 -14.48 -24.18
N LEU A 272 -4.88 -14.83 -24.17
CA LEU A 272 -5.58 -14.98 -22.90
C LEU A 272 -4.88 -15.99 -22.00
N SER A 273 -4.35 -17.05 -22.59
CA SER A 273 -3.63 -18.02 -21.78
C SER A 273 -2.42 -17.38 -21.11
N LEU A 274 -1.64 -16.58 -21.87
CA LEU A 274 -0.47 -15.92 -21.29
C LEU A 274 -0.86 -14.91 -20.23
N LEU A 275 -1.91 -14.15 -20.48
CA LEU A 275 -2.42 -13.22 -19.47
C LEU A 275 -2.72 -13.94 -18.18
N SER A 276 -3.44 -15.08 -18.30
CA SER A 276 -3.86 -15.87 -17.16
C SER A 276 -2.71 -16.39 -16.32
N LYS A 277 -1.51 -16.45 -16.90
CA LYS A 277 -0.35 -17.03 -16.24
C LYS A 277 0.57 -15.98 -15.65
N GLY A 278 0.19 -14.71 -15.71
CA GLY A 278 1.10 -13.68 -15.24
C GLY A 278 2.30 -13.49 -16.15
N ARG A 279 2.16 -13.80 -17.44
CA ARG A 279 3.28 -13.76 -18.38
C ARG A 279 3.14 -12.67 -19.44
N LEU A 280 2.11 -11.84 -19.36
CA LEU A 280 1.89 -10.83 -20.37
C LEU A 280 1.08 -9.68 -19.80
N ILE A 281 1.49 -8.44 -20.14
CA ILE A 281 0.73 -7.23 -19.87
C ILE A 281 0.41 -6.56 -21.21
N ILE A 282 -0.85 -6.14 -21.41
CA ILE A 282 -1.22 -5.42 -22.61
C ILE A 282 -1.57 -3.98 -22.27
N ARG A 283 -0.79 -3.06 -22.82
CA ARG A 283 -0.94 -1.61 -22.70
C ARG A 283 0.15 -0.98 -23.54
N GLU A 284 0.08 0.34 -23.68
CA GLU A 284 1.21 1.07 -24.22
C GLU A 284 2.29 1.26 -23.15
N ASN A 285 3.45 1.73 -23.59
CA ASN A 285 4.55 2.02 -22.68
C ASN A 285 4.99 3.47 -22.80
N ASN A 286 4.03 4.38 -22.88
CA ASN A 286 4.33 5.80 -23.00
C ASN A 286 4.38 6.44 -21.60
N ARG A 287 4.29 7.76 -21.56
CA ARG A 287 4.45 8.51 -20.33
C ARG A 287 3.26 8.29 -19.40
N VAL A 288 3.54 8.29 -18.11
CA VAL A 288 2.50 8.26 -17.10
C VAL A 288 2.10 9.68 -16.79
N VAL A 289 0.82 9.99 -17.02
CA VAL A 289 0.26 11.32 -16.85
C VAL A 289 -1.03 11.21 -16.08
N ILE A 290 -1.13 11.96 -14.99
CA ILE A 290 -2.29 11.91 -14.12
C ILE A 290 -2.82 13.31 -13.91
N SER A 291 -4.07 13.40 -13.45
CA SER A 291 -4.61 14.69 -13.01
C SER A 291 -5.77 14.50 -12.05
N SER A 292 -6.10 15.57 -11.34
CA SER A 292 -7.30 15.58 -10.50
C SER A 292 -8.17 16.77 -10.86
N ASP A 293 -9.44 16.51 -11.15
CA ASP A 293 -10.39 17.58 -11.43
C ASP A 293 -10.58 18.42 -10.17
N VAL A 294 -10.53 19.74 -10.33
CA VAL A 294 -10.73 20.68 -9.25
C VAL A 294 -11.99 21.52 -9.52
N LEU A 295 -12.90 21.52 -8.55
CA LEU A 295 -14.11 22.32 -8.63
C LEU A 295 -13.80 23.74 -8.18
N VAL A 296 -14.13 24.73 -8.99
CA VAL A 296 -13.79 26.11 -8.70
C VAL A 296 -15.05 26.84 -8.23
N ASN A 297 -14.91 27.58 -7.14
CA ASN A 297 -15.97 28.36 -6.55
C ASN A 297 -15.44 29.68 -6.02
N ASN A 298 -16.22 30.74 -6.24
CA ASN A 298 -15.97 32.07 -5.69
C ASN A 298 -17.13 32.38 -4.75
N GLU A 299 -16.83 32.40 -3.46
CA GLU A 299 -17.79 32.58 -2.38
C GLU A 299 -18.00 34.05 -1.99
N ASN A 300 -17.40 35.01 -2.71
CA ASN A 300 -17.58 36.44 -2.46
C ASN A 300 -18.84 36.99 -3.16
N ALA B 19 16.21 39.84 4.28
CA ALA B 19 14.99 39.13 3.88
C ALA B 19 14.59 38.07 4.92
N PHE B 20 13.28 37.86 5.08
CA PHE B 20 12.76 36.98 6.11
C PHE B 20 12.45 35.60 5.55
N ALA B 21 12.86 34.57 6.31
CA ALA B 21 12.59 33.17 6.03
C ALA B 21 12.45 32.46 7.37
N VAL B 22 11.47 31.59 7.49
CA VAL B 22 11.32 30.91 8.77
C VAL B 22 12.42 29.88 8.92
N ASP B 23 12.99 29.78 10.11
CA ASP B 23 14.05 28.81 10.37
C ASP B 23 13.45 27.63 11.13
N ALA B 24 12.92 26.67 10.38
CA ALA B 24 12.22 25.54 10.99
C ALA B 24 13.20 24.61 11.71
N ALA B 25 14.37 24.39 11.11
CA ALA B 25 15.37 23.55 11.76
C ALA B 25 15.71 24.10 13.15
N LYS B 26 15.95 25.41 13.22
CA LYS B 26 16.28 26.03 14.50
C LYS B 26 15.13 25.90 15.48
N ALA B 27 13.90 26.19 15.04
CA ALA B 27 12.77 26.07 15.93
C ALA B 27 12.65 24.65 16.48
N TYR B 28 12.91 23.64 15.66
CA TYR B 28 12.74 22.27 16.17
C TYR B 28 13.89 21.91 17.10
N LYS B 29 15.13 22.21 16.73
CA LYS B 29 16.26 22.00 17.65
C LYS B 29 16.01 22.72 18.97
N ASP B 30 15.61 23.99 18.91
CA ASP B 30 15.31 24.72 20.14
C ASP B 30 14.19 24.03 20.92
N TYR B 31 13.14 23.59 20.22
CA TYR B 31 12.03 22.92 20.88
C TYR B 31 12.49 21.65 21.59
N LEU B 32 13.36 20.87 20.94
CA LEU B 32 13.83 19.63 21.56
C LEU B 32 14.63 19.92 22.81
N ALA B 33 15.63 20.79 22.69
CA ALA B 33 16.45 21.14 23.85
C ALA B 33 15.58 21.69 24.98
N SER B 34 14.46 22.32 24.66
CA SER B 34 13.50 22.79 25.63
C SER B 34 12.70 21.65 26.26
N GLY B 35 12.99 20.40 25.91
CA GLY B 35 12.21 19.29 26.40
C GLY B 35 10.94 19.01 25.64
N GLY B 36 10.81 19.52 24.41
CA GLY B 36 9.63 19.21 23.62
C GLY B 36 9.64 17.78 23.13
N GLN B 37 8.43 17.22 22.99
CA GLN B 37 8.30 15.82 22.60
C GLN B 37 8.58 15.66 21.11
N PRO B 38 9.48 14.77 20.71
CA PRO B 38 9.81 14.67 19.28
C PRO B 38 8.61 14.34 18.40
N ILE B 39 8.70 14.78 17.15
CA ILE B 39 7.70 14.44 16.15
C ILE B 39 7.52 12.93 16.11
N THR B 40 6.26 12.50 16.09
CA THR B 40 5.90 11.10 16.08
C THR B 40 5.33 10.67 14.73
N ASN B 41 4.90 9.39 14.69
CA ASN B 41 4.28 8.78 13.54
C ASN B 41 5.20 8.71 12.33
N CYS B 42 6.51 8.72 12.59
CA CYS B 42 7.47 8.33 11.57
C CYS B 42 7.20 6.87 11.24
N VAL B 43 7.23 6.54 9.95
CA VAL B 43 6.75 5.23 9.50
C VAL B 43 7.91 4.22 9.55
N LYS B 44 7.91 3.38 10.61
CA LYS B 44 8.92 2.33 10.68
C LYS B 44 8.55 1.10 9.85
N MET B 45 9.55 0.60 9.14
CA MET B 45 9.40 -0.51 8.22
C MET B 45 9.79 -1.82 8.88
N LEU B 46 9.13 -2.89 8.48
CA LEU B 46 9.64 -4.21 8.77
C LEU B 46 10.75 -4.58 7.80
N CYS B 47 11.83 -5.16 8.32
CA CYS B 47 12.96 -5.55 7.49
C CYS B 47 13.79 -6.58 8.25
N THR B 48 14.79 -7.13 7.55
CA THR B 48 15.61 -8.18 8.14
C THR B 48 16.61 -7.64 9.14
N HIS B 49 16.99 -6.37 9.01
CA HIS B 49 18.07 -5.79 9.79
C HIS B 49 19.41 -6.49 9.52
N THR B 50 19.60 -6.89 8.26
CA THR B 50 20.86 -7.41 7.78
C THR B 50 21.32 -6.63 6.55
N GLY B 51 21.00 -5.36 6.50
CA GLY B 51 21.33 -4.53 5.36
C GLY B 51 22.68 -3.85 5.54
N THR B 52 22.95 -2.91 4.63
CA THR B 52 24.26 -2.28 4.54
C THR B 52 24.51 -1.25 5.61
N GLY B 53 23.47 -0.74 6.27
CA GLY B 53 23.64 0.32 7.23
C GLY B 53 23.86 1.70 6.65
N GLN B 54 23.84 1.86 5.32
CA GLN B 54 23.92 3.19 4.76
C GLN B 54 22.71 4.04 5.16
N ALA B 55 22.89 5.35 5.07
CA ALA B 55 21.98 6.29 5.70
C ALA B 55 20.64 6.39 4.97
N ILE B 56 20.68 6.55 3.65
CA ILE B 56 19.50 6.84 2.85
C ILE B 56 19.56 5.99 1.61
N THR B 57 18.59 5.08 1.47
CA THR B 57 18.65 4.03 0.48
C THR B 57 17.31 3.89 -0.22
N VAL B 58 17.31 3.20 -1.36
CA VAL B 58 16.08 3.02 -2.12
C VAL B 58 15.15 1.93 -1.60
N THR B 59 15.63 1.10 -0.68
CA THR B 59 14.82 0.11 0.03
C THR B 59 15.41 0.01 1.42
N PRO B 60 14.66 -0.51 2.39
CA PRO B 60 15.21 -0.58 3.76
C PRO B 60 16.53 -1.33 3.84
N GLU B 61 17.52 -0.70 4.50
CA GLU B 61 18.87 -1.24 4.63
C GLU B 61 19.38 -1.22 6.06
N ALA B 62 18.49 -1.22 7.04
CA ALA B 62 18.93 -1.27 8.43
C ALA B 62 19.83 -2.47 8.69
N ASN B 63 20.86 -2.26 9.50
CA ASN B 63 21.63 -3.35 10.06
C ASN B 63 21.08 -3.62 11.47
N MET B 64 21.75 -4.51 12.21
CA MET B 64 21.25 -4.92 13.53
C MET B 64 21.26 -3.77 14.52
N ASP B 65 21.95 -2.66 14.22
CA ASP B 65 22.04 -1.50 15.08
C ASP B 65 21.04 -0.38 14.72
N GLN B 66 20.13 -0.63 13.76
CA GLN B 66 19.35 0.45 13.17
C GLN B 66 17.90 0.04 13.00
N GLU B 67 17.06 1.05 12.81
CA GLU B 67 15.71 0.93 12.27
C GLU B 67 15.63 1.67 10.94
N SER B 68 14.86 1.13 10.01
CA SER B 68 14.58 1.78 8.74
C SER B 68 13.19 2.43 8.77
N PHE B 69 13.08 3.63 8.19
CA PHE B 69 11.85 4.38 8.16
C PHE B 69 11.58 4.89 6.74
N GLY B 70 10.30 5.06 6.44
CA GLY B 70 9.92 5.77 5.23
C GLY B 70 10.46 7.19 5.32
N GLY B 71 11.12 7.63 4.25
CA GLY B 71 11.89 8.87 4.32
C GLY B 71 11.03 10.11 4.49
N ALA B 72 9.97 10.21 3.71
CA ALA B 72 9.10 11.37 3.81
C ALA B 72 8.69 11.63 5.25
N SER B 73 8.35 10.57 5.98
CA SER B 73 7.81 10.75 7.32
C SER B 73 8.86 11.16 8.34
N CYS B 74 10.14 11.08 7.98
CA CYS B 74 11.23 11.53 8.83
C CYS B 74 11.83 12.88 8.41
N CYS B 75 11.20 13.56 7.45
CA CYS B 75 11.70 14.83 6.95
C CYS B 75 10.94 15.97 7.60
N LEU B 76 11.67 16.85 8.27
CA LEU B 76 11.04 17.97 8.97
C LEU B 76 10.21 18.83 8.02
N TYR B 77 10.73 19.09 6.82
CA TYR B 77 10.04 19.96 5.88
C TYR B 77 8.80 19.29 5.29
N CYS B 78 8.91 18.02 4.91
CA CYS B 78 7.73 17.27 4.49
C CYS B 78 6.66 17.28 5.59
N ARG B 79 7.04 16.91 6.81
CA ARG B 79 6.07 16.73 7.88
C ARG B 79 5.45 18.04 8.32
N CYS B 80 6.19 19.15 8.25
CA CYS B 80 5.64 20.43 8.66
C CYS B 80 5.00 21.21 7.53
N HIS B 81 5.00 20.66 6.31
CA HIS B 81 4.39 21.28 5.14
C HIS B 81 5.03 22.63 4.83
N ILE B 82 6.35 22.61 4.68
CA ILE B 82 7.09 23.82 4.38
C ILE B 82 8.12 23.54 3.31
N ASP B 83 8.62 24.62 2.71
CA ASP B 83 9.49 24.48 1.56
C ASP B 83 10.81 23.85 1.99
N HIS B 84 11.38 23.07 1.12
CA HIS B 84 12.65 22.47 1.47
C HIS B 84 13.76 23.51 1.25
N PRO B 85 14.83 23.46 2.06
CA PRO B 85 15.93 24.41 1.83
C PRO B 85 16.72 24.15 0.56
N ASN B 86 16.63 22.98 -0.05
CA ASN B 86 17.20 22.84 -1.38
C ASN B 86 16.66 23.97 -2.28
N PRO B 87 17.48 24.57 -3.15
CA PRO B 87 16.96 25.66 -3.98
C PRO B 87 15.93 25.21 -5.01
N LYS B 88 16.05 23.99 -5.56
CA LYS B 88 15.02 23.42 -6.41
C LYS B 88 13.89 22.76 -5.62
N GLY B 89 13.91 22.87 -4.29
CA GLY B 89 12.91 22.24 -3.45
C GLY B 89 12.93 20.72 -3.44
N PHE B 90 14.02 20.11 -3.89
N PHE B 90 14.00 20.10 -3.89
CA PHE B 90 14.23 18.66 -3.83
CA PHE B 90 14.07 18.65 -3.84
C PHE B 90 14.30 18.22 -2.37
C PHE B 90 14.32 18.18 -2.41
N CYS B 91 13.81 17.00 -2.11
CA CYS B 91 13.91 16.41 -0.78
C CYS B 91 14.85 15.21 -0.84
N ASP B 92 15.76 15.13 0.13
CA ASP B 92 16.72 14.04 0.16
C ASP B 92 16.12 12.71 0.59
N LEU B 93 14.99 12.73 1.29
CA LEU B 93 14.45 11.54 1.95
C LEU B 93 13.21 10.98 1.26
N LYS B 94 12.36 11.84 0.72
CA LYS B 94 11.09 11.41 0.19
C LYS B 94 11.30 10.39 -0.92
N GLY B 95 10.57 9.28 -0.83
CA GLY B 95 10.67 8.23 -1.81
C GLY B 95 11.80 7.27 -1.54
N LYS B 96 12.57 7.50 -0.49
CA LYS B 96 13.63 6.61 -0.07
C LYS B 96 13.36 6.12 1.36
N TYR B 97 14.29 5.36 1.90
CA TYR B 97 14.24 4.86 3.28
C TYR B 97 15.45 5.37 4.01
N VAL B 98 15.24 5.78 5.26
CA VAL B 98 16.30 6.33 6.10
C VAL B 98 16.55 5.37 7.27
N GLN B 99 17.83 5.04 7.46
CA GLN B 99 18.27 4.20 8.55
C GLN B 99 18.64 5.06 9.76
N ILE B 100 18.08 4.71 10.92
CA ILE B 100 18.23 5.51 12.13
C ILE B 100 18.84 4.61 13.18
N PRO B 101 19.93 5.01 13.83
CA PRO B 101 20.41 4.24 14.99
C PRO B 101 19.28 3.94 15.95
N THR B 102 19.20 2.67 16.37
CA THR B 102 18.11 2.26 17.26
C THR B 102 18.07 3.12 18.51
N THR B 103 19.23 3.63 18.96
CA THR B 103 19.25 4.48 20.13
C THR B 103 18.65 5.87 19.88
N CYS B 104 18.63 6.33 18.62
CA CYS B 104 17.99 7.60 18.28
C CYS B 104 16.65 7.45 17.59
N ALA B 105 16.08 6.25 17.55
CA ALA B 105 14.86 6.04 16.78
C ALA B 105 13.64 6.65 17.44
N ASN B 106 13.78 7.17 18.66
CA ASN B 106 12.69 7.93 19.28
C ASN B 106 12.47 9.28 18.62
N ASP B 107 13.43 9.78 17.84
CA ASP B 107 13.31 11.09 17.20
C ASP B 107 13.98 11.03 15.84
N PRO B 108 13.37 10.32 14.89
CA PRO B 108 14.02 10.22 13.58
C PRO B 108 14.15 11.56 12.91
N VAL B 109 13.19 12.47 13.12
CA VAL B 109 13.26 13.74 12.43
C VAL B 109 14.43 14.56 12.95
N GLY B 110 14.54 14.66 14.27
CA GLY B 110 15.71 15.28 14.85
C GLY B 110 16.99 14.63 14.37
N PHE B 111 17.01 13.31 14.27
CA PHE B 111 18.23 12.66 13.87
C PHE B 111 18.65 13.09 12.46
N THR B 112 17.72 13.01 11.50
CA THR B 112 18.06 13.31 10.12
C THR B 112 18.42 14.79 9.96
N LEU B 113 17.78 15.65 10.73
CA LEU B 113 18.06 17.08 10.66
C LEU B 113 19.46 17.37 11.16
N LYS B 114 19.80 16.84 12.35
CA LYS B 114 21.06 17.19 12.98
C LYS B 114 22.28 16.53 12.35
N ASN B 115 22.14 15.45 11.59
CA ASN B 115 23.30 14.68 11.18
C ASN B 115 23.55 14.76 9.68
N THR B 116 24.65 14.15 9.27
CA THR B 116 25.14 14.31 7.91
C THR B 116 25.61 12.99 7.35
N VAL B 117 25.35 12.79 6.08
CA VAL B 117 25.74 11.58 5.39
C VAL B 117 27.10 11.78 4.75
N CYS B 118 28.00 10.83 4.96
CA CYS B 118 29.29 10.86 4.28
C CYS B 118 29.10 10.70 2.77
N THR B 119 29.52 11.72 2.03
CA THR B 119 29.46 11.67 0.58
C THR B 119 30.26 10.52 -0.02
N VAL B 120 31.20 9.97 0.73
CA VAL B 120 32.03 8.92 0.16
C VAL B 120 31.41 7.55 0.36
N CYS B 121 31.14 7.20 1.61
CA CYS B 121 30.72 5.84 1.93
C CYS B 121 29.21 5.71 2.13
N GLY B 122 28.46 6.81 2.20
CA GLY B 122 27.02 6.74 2.35
C GLY B 122 26.53 6.46 3.75
N MET B 123 27.43 6.32 4.71
CA MET B 123 27.01 6.14 6.10
C MET B 123 26.85 7.49 6.77
N TRP B 124 26.17 7.47 7.90
CA TRP B 124 26.05 8.68 8.69
C TRP B 124 27.39 9.02 9.28
N LYS B 125 27.81 10.27 9.10
CA LYS B 125 29.00 10.78 9.78
C LYS B 125 28.83 10.56 11.28
N GLY B 126 29.68 9.72 11.85
CA GLY B 126 29.64 9.45 13.25
C GLY B 126 28.70 8.35 13.67
N TYR B 127 28.03 7.69 12.72
CA TYR B 127 27.15 6.57 13.05
C TYR B 127 27.28 5.51 11.95
N GLY B 128 28.52 5.23 11.59
CA GLY B 128 28.80 4.22 10.60
C GLY B 128 29.94 4.62 9.70
N CYS B 129 30.11 5.92 9.47
CA CYS B 129 31.19 6.34 8.59
C CYS B 129 32.52 6.08 9.28
N SER B 130 33.40 5.31 8.64
CA SER B 130 34.73 5.04 9.18
C SER B 130 35.83 5.64 8.32
N CYS B 131 35.49 6.63 7.49
CA CYS B 131 36.44 7.12 6.50
C CYS B 131 37.58 7.90 7.12
N ASP B 132 37.43 8.32 8.37
CA ASP B 132 38.47 9.08 9.05
C ASP B 132 39.50 8.21 9.76
N GLN B 133 39.20 6.94 9.98
N GLN B 133 39.19 6.94 10.00
CA GLN B 133 40.12 6.03 10.64
CA GLN B 133 40.17 6.04 10.61
C GLN B 133 41.32 5.74 9.75
C GLN B 133 41.22 5.62 9.59
C1 EDO C . 10.35 -1.75 -12.24
O1 EDO C . 9.34 -2.18 -13.19
C2 EDO C . 11.10 -0.56 -12.83
O2 EDO C . 11.20 -0.94 -14.21
H11 EDO C . 11.05 -2.57 -12.04
H12 EDO C . 9.89 -1.48 -11.30
HO1 EDO C . 8.93 -3.00 -12.88
H21 EDO C . 12.08 -0.44 -12.38
H22 EDO C . 10.54 0.36 -12.70
HO2 EDO C . 11.63 -0.22 -14.70
C1 EDO D . -18.96 3.54 0.59
O1 EDO D . -18.11 4.19 1.55
C2 EDO D . -18.49 3.91 -0.80
O2 EDO D . -18.24 5.33 -0.85
H11 EDO D . -18.92 2.46 0.73
H12 EDO D . -19.99 3.86 0.74
HO1 EDO D . -18.53 4.19 2.42
H21 EDO D . -17.58 3.36 -1.05
H22 EDO D . -19.26 3.65 -1.53
HO2 EDO D . -17.38 5.50 -1.25
O1 MES E . -1.84 -17.29 -8.61
C2 MES E . -3.08 -17.64 -9.23
C3 MES E . -3.95 -18.42 -8.24
N4 MES E . -3.23 -19.52 -7.59
C5 MES E . -1.91 -19.20 -7.05
C6 MES E . -1.13 -18.47 -8.16
C7 MES E . -4.03 -20.29 -6.61
C8 MES E . -5.03 -21.17 -7.38
S MES E . -5.97 -22.19 -6.43
O1S MES E . -5.76 -21.84 -4.98
O2S MES E . -5.38 -23.54 -6.64
O3S MES E . -7.43 -22.15 -6.85
H21 MES E . -3.60 -16.72 -9.53
H22 MES E . -2.90 -18.23 -10.12
H31 MES E . -4.82 -18.82 -8.76
H32 MES E . -4.31 -17.74 -7.47
HN4 MES E . -3.06 -20.14 -8.38
H51 MES E . -2.00 -18.57 -6.17
H52 MES E . -1.38 -20.11 -6.76
H61 MES E . -0.98 -19.15 -8.99
H62 MES E . -0.16 -18.18 -7.77
H71 MES E . -4.58 -19.61 -5.95
H72 MES E . -3.39 -20.92 -5.99
H81 MES E . -4.47 -21.78 -8.09
H82 MES E . -5.70 -20.53 -7.96
C1 EDO F . -4.36 12.99 -18.23
O1 EDO F . -5.06 13.14 -16.98
C2 EDO F . -5.50 12.83 -19.21
O2 EDO F . -6.64 12.63 -18.35
H11 EDO F . -3.75 13.85 -18.46
H12 EDO F . -3.71 12.11 -18.22
HO1 EDO F . -4.45 13.00 -16.26
H21 EDO F . -5.63 13.72 -19.82
H22 EDO F . -5.35 11.97 -19.87
HO2 EDO F . -7.16 11.87 -18.66
C1 EDO G . -11.49 -0.73 8.42
O1 EDO G . -10.84 -2.00 8.46
C2 EDO G . -10.49 0.33 8.85
O2 EDO G . -9.29 0.23 8.05
H11 EDO G . -12.36 -0.73 9.09
H12 EDO G . -11.85 -0.52 7.41
HO1 EDO G . -11.30 -2.62 7.88
H21 EDO G . -10.92 1.32 8.74
H22 EDO G . -10.24 0.19 9.91
HO2 EDO G . -8.66 0.90 8.35
C1 EDO H . -25.33 -6.25 9.82
O1 EDO H . -24.26 -5.75 10.67
C2 EDO H . -26.48 -5.25 9.67
O2 EDO H . -26.11 -4.19 8.78
H11 EDO H . -25.72 -7.19 10.24
H12 EDO H . -24.93 -6.48 8.82
HO1 EDO H . -23.53 -6.38 10.67
H21 EDO H . -27.36 -5.77 9.28
H22 EDO H . -26.73 -4.84 10.65
HO2 EDO H . -26.69 -3.44 8.90
C1 EDO I . -27.94 -8.72 6.91
O1 EDO I . -29.10 -9.19 7.64
C2 EDO I . -28.01 -7.21 6.63
O2 EDO I . -28.77 -6.88 5.46
H11 EDO I . -27.04 -8.95 7.48
H12 EDO I . -27.89 -9.25 5.95
HO1 EDO I . -28.93 -10.07 8.01
H21 EDO I . -28.46 -6.71 7.49
H22 EDO I . -26.99 -6.82 6.52
HO2 EDO I . -29.35 -6.12 5.64
C1 EDO J . 0.77 -12.13 17.51
O1 EDO J . 1.33 -13.37 17.05
C2 EDO J . -0.41 -12.40 18.44
O2 EDO J . -1.12 -11.18 18.63
H11 EDO J . 0.45 -11.53 16.67
H12 EDO J . 1.54 -11.57 18.05
HO1 EDO J . 2.17 -13.19 16.60
H21 EDO J . -1.06 -13.17 18.00
H22 EDO J . -0.05 -12.79 19.40
HO2 EDO J . -1.77 -11.30 19.34
C1 EDO K . -14.09 -2.64 10.90
O1 EDO K . -14.69 -1.67 11.79
C2 EDO K . -15.15 -3.14 9.92
O2 EDO K . -16.18 -3.83 10.65
H11 EDO K . -13.26 -2.19 10.36
H12 EDO K . -13.69 -3.48 11.48
HO1 EDO K . -14.10 -0.90 11.85
H21 EDO K . -14.70 -3.80 9.18
H22 EDO K . -15.59 -2.29 9.38
HO2 EDO K . -16.13 -4.78 10.45
C1 EDO L . 6.89 -5.31 22.09
O1 EDO L . 8.06 -6.03 21.64
C2 EDO L . 5.67 -6.23 21.93
O2 EDO L . 5.70 -6.79 20.59
H11 EDO L . 7.00 -5.03 23.14
H12 EDO L . 6.75 -4.41 21.50
HO1 EDO L . 8.46 -5.55 20.91
H21 EDO L . 5.71 -7.03 22.67
H22 EDO L . 4.75 -5.67 22.08
HO2 EDO L . 4.81 -6.76 20.22
C1 EDO M . -11.28 7.90 -15.14
O1 EDO M . -12.12 6.76 -14.87
C2 EDO M . -9.82 7.46 -15.24
O2 EDO M . -9.07 8.27 -16.19
H11 EDO M . -11.40 8.63 -14.34
H12 EDO M . -11.60 8.37 -16.07
HO1 EDO M . -12.92 6.80 -15.41
H21 EDO M . -9.35 7.54 -14.26
H22 EDO M . -9.78 6.41 -15.56
HO2 EDO M . -8.57 7.69 -16.76
C1 EDO N . -19.25 -5.18 -13.65
O1 EDO N . -19.49 -3.77 -13.84
C2 EDO N . -19.68 -5.97 -14.89
O2 EDO N . -19.15 -5.30 -16.05
H11 EDO N . -18.20 -5.36 -13.44
H12 EDO N . -19.83 -5.53 -12.79
HO1 EDO N . -18.94 -3.26 -13.23
H21 EDO N . -19.28 -6.99 -14.84
H22 EDO N . -20.76 -6.04 -14.94
HO2 EDO N . -18.50 -5.88 -16.48
C1 EDO O . -2.43 -18.86 -3.32
O1 EDO O . -1.60 -18.51 -2.18
C2 EDO O . -3.79 -19.41 -2.86
O2 EDO O . -4.23 -18.78 -1.66
H11 EDO O . -1.91 -19.62 -3.92
H12 EDO O . -2.59 -17.99 -3.95
HO1 EDO O . -0.84 -18.01 -2.48
H21 EDO O . -3.70 -20.48 -2.68
H22 EDO O . -4.52 -19.26 -3.65
HO2 EDO O . -5.09 -19.14 -1.39
C1 EDO P . -14.89 17.93 -7.80
O1 EDO P . -16.21 18.36 -7.47
C2 EDO P . -14.74 18.04 -9.32
O2 EDO P . -15.68 17.20 -9.99
H11 EDO P . -14.14 18.55 -7.30
H12 EDO P . -14.73 16.90 -7.49
HO1 EDO P . -16.28 18.44 -6.52
H21 EDO P . -14.90 19.09 -9.62
H22 EDO P . -13.73 17.77 -9.61
HO2 EDO P . -15.37 17.04 -10.89
C1 EDO Q . -0.54 2.74 -21.20
O1 EDO Q . -1.78 2.57 -21.75
C2 EDO Q . -0.04 4.13 -21.61
O2 EDO Q . 1.39 4.24 -21.70
H11 EDO Q . -0.59 2.65 -20.11
H12 EDO Q . 0.14 1.96 -21.56
H21 EDO Q . -0.48 4.38 -22.58
H22 EDO Q . -0.40 4.85 -20.88
HO2 EDO Q . 1.64 5.18 -21.74
N1 CFF R . -18.16 -7.49 13.97
C2 CFF R . -18.66 -6.25 14.03
C10 CFF R . -17.33 -7.90 12.84
C6 CFF R . -18.39 -8.36 14.96
N3 CFF R . -19.42 -5.85 15.06
O11 CFF R . -18.45 -5.49 13.15
C12 CFF R . -19.96 -4.51 15.10
C4 CFF R . -19.68 -6.71 16.10
C5 CFF R . -19.17 -7.97 16.06
N9 CFF R . -20.40 -6.61 17.26
O13 CFF R . -17.96 -9.47 14.95
N7 CFF R . -19.55 -8.62 17.17
C8 CFF R . -20.30 -7.78 17.89
C14 CFF R . -19.19 -9.98 17.48
H101 CFF R . -16.99 -7.02 12.31
H102 CFF R . -17.90 -8.53 12.18
H103 CFF R . -16.47 -8.45 13.20
H121 CFF R . -20.45 -4.30 14.16
H122 CFF R . -20.68 -4.44 15.90
H123 CFF R . -19.16 -3.80 15.26
H81 CFF R . -20.76 -8.02 18.83
H141 CFF R . -18.24 -9.99 17.99
H142 CFF R . -19.94 -10.41 18.12
H143 CFF R . -19.12 -10.55 16.56
N SAM S . -3.96 3.25 3.76
CA SAM S . -3.90 4.13 4.88
C SAM S . -2.57 3.62 5.59
O SAM S . -1.68 3.02 4.90
OXT SAM S . -2.34 3.83 6.82
CB SAM S . -5.16 4.10 5.75
CG SAM S . -6.39 4.49 4.89
SD SAM S . -7.89 4.57 5.77
CE SAM S . -8.42 3.06 6.55
C5' SAM S . -9.18 4.95 4.69
C4' SAM S . -8.90 6.07 3.67
O4' SAM S . -9.75 6.00 2.64
C3' SAM S . -9.12 7.58 4.38
O3' SAM S . -7.74 8.17 4.41
C2' SAM S . -9.98 8.18 3.66
O2' SAM S . -9.77 9.68 3.59
C1' SAM S . -9.92 7.44 2.21
N9 SAM S . -10.88 7.73 1.32
C8 SAM S . -12.00 7.29 1.92
N7 SAM S . -13.07 7.60 1.10
C5 SAM S . -12.59 8.21 -0.06
C6 SAM S . -13.17 8.72 -1.25
N6 SAM S . -14.54 8.83 -1.78
N1 SAM S . -12.36 9.25 -2.19
C2 SAM S . -11.02 9.32 -1.97
N3 SAM S . -10.44 8.82 -0.83
C4 SAM S . -11.24 8.27 0.10
HN1 SAM S . -3.17 3.38 3.18
HN2 SAM S . -3.96 2.33 4.10
HA SAM S . -3.87 5.14 4.63
HB1 SAM S . -5.31 3.09 6.15
HB2 SAM S . -5.05 4.81 6.58
HG1 SAM S . -6.51 3.74 4.07
HG2 SAM S . -6.20 5.51 4.44
HE1 SAM S . -9.33 2.73 6.10
HE2 SAM S . -7.67 2.32 6.45
HE3 SAM S . -8.60 3.24 7.58
H5'1 SAM S . -10.07 5.25 5.29
H5'2 SAM S . -9.43 4.03 4.11
H4' SAM S . -7.85 5.99 3.30
H3' SAM S . -9.57 7.59 5.36
HO3' SAM S . -7.79 9.04 4.71
HO2' SAM S . -9.58 9.92 2.72
H1' SAM S . -9.04 7.76 1.62
H8 SAM S . -12.07 6.78 2.88
HN61 SAM S . -15.36 8.62 -1.18
HN62 SAM S . -14.70 9.13 -2.77
H2 SAM S . -10.39 9.77 -2.74
CL CL T . -6.98 -3.93 -25.14
C1 EDO U . 11.38 2.32 18.46
O1 EDO U . 10.13 1.67 18.70
C2 EDO U . 11.23 2.99 17.12
O2 EDO U . 9.84 2.90 16.79
H11 EDO U . 12.20 1.59 18.45
H12 EDO U . 11.59 3.05 19.25
HO1 EDO U . 9.75 1.98 19.54
H21 EDO U . 11.84 2.48 16.37
H22 EDO U . 11.55 4.03 17.17
HO2 EDO U . 9.64 3.49 16.05
ZN ZN V . 11.18 16.34 2.68
ZN ZN W . 32.50 7.78 5.06
C1 EDO X . 20.02 16.16 6.74
O1 EDO X . 20.91 16.30 7.87
C2 EDO X . 20.37 14.91 5.91
O2 EDO X . 19.32 14.77 4.93
H11 EDO X . 18.99 16.07 7.10
H12 EDO X . 20.08 17.05 6.12
HO1 EDO X . 20.39 16.33 8.68
H21 EDO X . 20.43 14.03 6.54
H22 EDO X . 21.34 15.05 5.43
HO2 EDO X . 19.45 13.94 4.44
C1 EDO Y . 0.91 18.90 10.32
O1 EDO Y . -0.34 18.40 9.80
C2 EDO Y . 1.44 20.09 9.47
O2 EDO Y . 2.22 20.99 10.27
H11 EDO Y . 1.65 18.10 10.31
H12 EDO Y . 0.78 19.23 11.34
HO1 EDO Y . -0.63 17.64 10.32
H21 EDO Y . 2.05 19.70 8.66
H22 EDO Y . 0.59 20.62 9.04
HO2 EDO Y . 2.44 21.77 9.74
C1 EDO Z . 20.60 -6.89 19.00
O1 EDO Z . 21.06 -7.05 20.35
C2 EDO Z . 19.24 -6.22 18.98
O2 EDO Z . 19.35 -4.95 19.62
H11 EDO Z . 20.55 -7.87 18.52
H12 EDO Z . 21.32 -6.28 18.44
HO1 EDO Z . 22.03 -7.06 20.36
H21 EDO Z . 18.51 -6.84 19.51
H22 EDO Z . 18.89 -6.11 17.95
HO2 EDO Z . 18.50 -4.49 19.57
N1 IMD AA . 3.84 18.45 11.93
C2 IMD AA . 3.57 17.25 12.50
N3 IMD AA . 4.26 17.13 13.66
C4 IMD AA . 4.96 18.28 13.81
C5 IMD AA . 4.70 19.11 12.73
HN1 IMD AA . 3.48 18.78 11.08
H2 IMD AA . 2.97 16.56 12.13
HN3 IMD AA . 4.26 16.37 14.27
H4 IMD AA . 5.56 18.50 14.57
H5 IMD AA . 5.07 20.01 12.56
C1 EDO BA . 2.84 14.59 15.63
O1 EDO BA . 4.21 14.95 15.90
C2 EDO BA . 2.71 13.83 14.29
O2 EDO BA . 1.44 13.17 14.09
H11 EDO BA . 2.46 13.97 16.43
H12 EDO BA . 2.23 15.50 15.59
HO1 EDO BA . 4.27 15.29 16.81
H21 EDO BA . 3.50 13.08 14.25
H22 EDO BA . 2.88 14.54 13.49
HO2 EDO BA . 1.41 12.80 13.20
C1 EDO CA . 8.17 8.04 15.78
O1 EDO CA . 8.47 9.36 15.31
C2 EDO CA . 9.47 7.33 16.18
O2 EDO CA . 9.13 6.03 16.72
H11 EDO CA . 7.50 8.10 16.64
H12 EDO CA . 7.67 7.47 14.99
HO1 EDO CA . 8.81 9.89 16.04
H21 EDO CA . 10.12 7.22 15.32
H22 EDO CA . 10.00 7.92 16.94
HO2 EDO CA . 9.76 5.81 17.43
#